data_7W91
#
_entry.id   7W91
#
_cell.length_a   80.622
_cell.length_b   81.112
_cell.length_c   80.846
_cell.angle_alpha   65.330
_cell.angle_beta   60.070
_cell.angle_gamma   60.200
#
_symmetry.space_group_name_H-M   'P 1'
#
_entity_poly.entity_id   1
_entity_poly.type   'polypeptide(L)'
_entity_poly.pdbx_seq_one_letter_code
;GSEF(MSE)D(MSE)EKRLRAE(MSE)QKAEDKAVEHKEILDQLESLKLENRHLSE(MSE)V(MSE)KLELGLHEA
;
_entity_poly.pdbx_strand_id   A,B,C,D,E,F,G,H,I,J,K,L
#
# COMPACT_ATOMS: atom_id res chain seq x y z
N GLY A 1 -10.54 -10.83 -24.57
CA GLY A 1 -9.31 -10.27 -25.10
C GLY A 1 -8.19 -11.30 -25.17
N SER A 2 -6.95 -10.80 -25.26
CA SER A 2 -5.77 -11.66 -25.30
C SER A 2 -5.01 -11.68 -23.98
N GLU A 3 -4.83 -10.50 -23.36
CA GLU A 3 -4.31 -10.46 -21.99
C GLU A 3 -5.14 -11.34 -21.07
N PHE A 4 -6.46 -11.35 -21.28
CA PHE A 4 -7.38 -12.20 -20.52
C PHE A 4 -7.20 -13.68 -20.85
N ASP A 6 -4.00 -14.74 -21.66
CA ASP A 6 -2.66 -14.96 -21.16
C ASP A 6 -2.64 -15.15 -19.65
N GLU A 8 -5.34 -16.45 -17.99
CA GLU A 8 -5.97 -17.75 -17.79
C GLU A 8 -4.97 -18.87 -17.96
N LYS A 9 -4.03 -18.71 -18.89
CA LYS A 9 -2.96 -19.68 -19.06
C LYS A 9 -2.06 -19.70 -17.84
N ARG A 10 -1.62 -18.52 -17.40
CA ARG A 10 -0.78 -18.43 -16.21
C ARG A 10 -1.45 -19.09 -15.02
N LEU A 11 -2.76 -18.91 -14.88
CA LEU A 11 -3.48 -19.50 -13.76
C LEU A 11 -3.56 -21.02 -13.88
N ARG A 12 -4.02 -21.51 -15.03
CA ARG A 12 -4.17 -22.95 -15.20
C ARG A 12 -2.83 -23.68 -15.26
N ALA A 13 -1.74 -22.96 -15.52
CA ALA A 13 -0.41 -23.55 -15.33
C ALA A 13 -0.01 -23.49 -13.87
N GLU A 14 -0.29 -22.38 -13.19
CA GLU A 14 -0.10 -22.31 -11.74
C GLU A 14 -0.92 -23.37 -11.02
N GLN A 16 -2.15 -26.35 -12.24
CA GLN A 16 -1.61 -27.68 -12.49
C GLN A 16 -0.30 -27.89 -11.74
N LYS A 17 0.46 -26.82 -11.50
CA LYS A 17 1.65 -26.92 -10.66
C LYS A 17 1.28 -27.32 -9.25
N ALA A 18 0.16 -26.79 -8.73
CA ALA A 18 -0.25 -27.12 -7.38
C ALA A 18 -0.86 -28.52 -7.31
N GLU A 19 -1.60 -28.92 -8.34
CA GLU A 19 -2.16 -30.26 -8.37
C GLU A 19 -1.05 -31.32 -8.42
N ASP A 20 0.03 -31.03 -9.16
CA ASP A 20 1.12 -31.98 -9.25
C ASP A 20 1.83 -32.13 -7.91
N LYS A 21 2.04 -31.02 -7.19
CA LYS A 21 2.70 -31.09 -5.90
C LYS A 21 1.87 -31.88 -4.89
N ALA A 22 0.54 -31.74 -4.96
CA ALA A 22 -0.32 -32.55 -4.11
C ALA A 22 -0.29 -34.02 -4.52
N VAL A 23 -0.06 -34.30 -5.80
CA VAL A 23 0.04 -35.68 -6.24
C VAL A 23 1.35 -36.30 -5.75
N GLU A 24 2.45 -35.56 -5.87
CA GLU A 24 3.73 -36.06 -5.38
C GLU A 24 3.70 -36.31 -3.88
N HIS A 25 2.99 -35.45 -3.13
CA HIS A 25 2.85 -35.67 -1.70
C HIS A 25 2.07 -36.95 -1.39
N LYS A 26 1.22 -37.38 -2.32
CA LYS A 26 0.45 -38.60 -2.11
C LYS A 26 1.31 -39.85 -2.32
N GLU A 27 1.97 -39.95 -3.48
CA GLU A 27 2.78 -41.14 -3.78
C GLU A 27 3.82 -41.39 -2.68
N ILE A 28 4.43 -40.32 -2.17
CA ILE A 28 5.33 -40.47 -1.03
C ILE A 28 4.57 -41.03 0.16
N LEU A 29 3.41 -40.45 0.47
CA LEU A 29 2.58 -40.95 1.56
C LEU A 29 1.96 -42.29 1.22
N ASP A 30 1.62 -42.52 -0.05
CA ASP A 30 1.03 -43.80 -0.45
C ASP A 30 2.07 -44.92 -0.40
N GLN A 31 3.29 -44.63 -0.87
CA GLN A 31 4.33 -45.66 -0.88
C GLN A 31 4.79 -45.97 0.54
N LEU A 32 4.83 -44.96 1.40
CA LEU A 32 5.18 -45.18 2.80
C LEU A 32 4.18 -46.07 3.51
N GLU A 33 2.98 -46.23 2.94
CA GLU A 33 2.01 -47.17 3.46
C GLU A 33 2.19 -48.55 2.86
N SER A 34 2.38 -48.63 1.54
CA SER A 34 2.58 -49.92 0.88
C SER A 34 3.84 -50.61 1.39
N LEU A 35 4.84 -49.83 1.81
CA LEU A 35 6.03 -50.43 2.42
C LEU A 35 5.77 -50.79 3.88
N LYS A 36 5.06 -49.94 4.61
CA LYS A 36 4.74 -50.24 6.00
C LYS A 36 3.73 -51.39 6.09
N LEU A 37 2.78 -51.45 5.16
CA LEU A 37 1.84 -52.57 5.13
C LEU A 37 2.53 -53.86 4.71
N GLU A 38 3.51 -53.77 3.81
CA GLU A 38 4.24 -54.96 3.39
C GLU A 38 5.02 -55.57 4.54
N ASN A 39 5.50 -54.75 5.48
CA ASN A 39 6.32 -55.26 6.56
C ASN A 39 5.51 -55.95 7.64
N ARG A 40 4.28 -55.48 7.89
CA ARG A 40 3.37 -56.25 8.72
C ARG A 40 3.07 -57.60 8.08
N HIS A 41 2.84 -57.62 6.77
CA HIS A 41 2.57 -58.87 6.07
C HIS A 41 3.79 -59.78 6.09
N LEU A 42 4.97 -59.23 5.79
CA LEU A 42 6.18 -60.04 5.84
C LEU A 42 6.46 -60.53 7.26
N SER A 43 6.16 -59.71 8.26
CA SER A 43 6.34 -60.14 9.64
C SER A 43 5.31 -61.19 10.03
N GLU A 44 4.06 -61.02 9.57
CA GLU A 44 3.02 -62.02 9.84
C GLU A 44 3.33 -63.35 9.16
N VAL A 46 6.69 -64.54 8.74
CA VAL A 46 7.76 -65.10 9.54
C VAL A 46 7.20 -65.78 10.78
N LYS A 48 3.91 -66.93 11.17
CA LYS A 48 3.11 -68.09 10.77
C LYS A 48 3.99 -69.28 10.40
N LEU A 49 5.21 -69.02 9.92
CA LEU A 49 6.10 -70.11 9.56
C LEU A 49 6.76 -70.72 10.78
N GLU A 50 7.17 -69.90 11.75
CA GLU A 50 7.79 -70.43 12.95
C GLU A 50 6.78 -71.21 13.78
N LEU A 51 5.53 -70.76 13.82
CA LEU A 51 4.48 -71.53 14.50
C LEU A 51 4.18 -72.83 13.78
N GLY A 52 4.56 -72.96 12.52
CA GLY A 52 4.33 -74.19 11.78
C GLY A 52 2.96 -74.29 11.16
N LEU A 53 2.42 -73.18 10.65
CA LEU A 53 1.10 -73.18 10.04
C LEU A 53 1.19 -72.96 8.53
N SER B 2 20.79 -1.06 13.87
CA SER B 2 19.46 -1.44 14.37
C SER B 2 18.60 -1.92 13.21
N GLU B 3 18.51 -1.11 12.16
CA GLU B 3 17.84 -1.53 10.94
C GLU B 3 18.69 -2.48 10.12
N PHE B 4 20.01 -2.47 10.31
CA PHE B 4 20.88 -3.43 9.65
C PHE B 4 20.77 -4.82 10.28
N ASP B 6 18.18 -6.06 11.67
CA ASP B 6 16.84 -6.63 11.49
C ASP B 6 16.80 -7.51 10.25
N GLU B 8 19.47 -8.70 8.98
CA GLU B 8 20.40 -9.76 9.36
C GLU B 8 19.69 -10.86 10.15
N LYS B 9 18.75 -10.47 11.02
CA LYS B 9 17.96 -11.47 11.73
C LYS B 9 16.93 -12.12 10.80
N ARG B 10 16.40 -11.36 9.84
CA ARG B 10 15.44 -11.91 8.90
C ARG B 10 16.08 -12.97 8.02
N LEU B 11 17.33 -12.73 7.58
CA LEU B 11 18.02 -13.70 6.74
C LEU B 11 18.26 -15.00 7.49
N ARG B 12 18.82 -14.91 8.70
CA ARG B 12 19.11 -16.11 9.48
C ARG B 12 17.84 -16.89 9.79
N ALA B 13 16.74 -16.19 10.07
CA ALA B 13 15.47 -16.87 10.27
C ALA B 13 15.00 -17.55 8.99
N GLU B 14 15.27 -16.92 7.84
CA GLU B 14 14.90 -17.53 6.56
C GLU B 14 15.84 -18.68 6.22
N GLN B 16 17.42 -20.64 8.41
CA GLN B 16 17.01 -21.76 9.25
C GLN B 16 15.74 -22.42 8.72
N LYS B 17 14.78 -21.61 8.25
CA LYS B 17 13.57 -22.15 7.67
C LYS B 17 13.88 -23.06 6.50
N ALA B 18 14.90 -22.72 5.71
CA ALA B 18 15.29 -23.57 4.59
C ALA B 18 16.06 -24.79 5.07
N GLU B 19 16.89 -24.63 6.11
CA GLU B 19 17.64 -25.76 6.64
C GLU B 19 16.71 -26.86 7.15
N ASP B 20 15.62 -26.46 7.82
CA ASP B 20 14.66 -27.45 8.31
C ASP B 20 14.05 -28.23 7.16
N LYS B 21 13.78 -27.54 6.04
CA LYS B 21 13.23 -28.22 4.87
C LYS B 21 14.18 -29.28 4.33
N ALA B 22 15.48 -28.97 4.29
CA ALA B 22 16.44 -29.96 3.82
C ALA B 22 16.55 -31.12 4.80
N VAL B 23 16.35 -30.88 6.08
CA VAL B 23 16.41 -31.96 7.06
C VAL B 23 15.10 -32.77 7.03
N GLU B 24 13.97 -32.09 6.88
CA GLU B 24 12.70 -32.80 6.73
C GLU B 24 12.72 -33.72 5.52
N HIS B 25 13.46 -33.35 4.49
CA HIS B 25 13.56 -34.22 3.31
C HIS B 25 14.45 -35.43 3.59
N LYS B 26 15.53 -35.23 4.34
CA LYS B 26 16.43 -36.34 4.63
C LYS B 26 15.74 -37.39 5.49
N GLU B 27 14.94 -36.95 6.47
CA GLU B 27 14.23 -37.91 7.32
C GLU B 27 13.20 -38.70 6.53
N ILE B 28 12.63 -38.10 5.48
CA ILE B 28 11.70 -38.85 4.63
C ILE B 28 12.48 -39.76 3.68
N LEU B 29 13.59 -39.28 3.15
CA LEU B 29 14.41 -40.09 2.25
C LEU B 29 15.16 -41.18 3.01
N ASP B 30 15.46 -40.97 4.29
CA ASP B 30 16.12 -41.99 5.09
C ASP B 30 15.11 -43.02 5.60
N GLN B 31 13.96 -42.55 6.11
CA GLN B 31 12.95 -43.48 6.61
C GLN B 31 12.45 -44.40 5.51
N LEU B 32 12.39 -43.89 4.28
CA LEU B 32 12.17 -44.77 3.13
C LEU B 32 13.24 -45.85 3.07
N GLU B 33 14.51 -45.43 3.03
CA GLU B 33 15.61 -46.39 2.92
C GLU B 33 15.62 -47.36 4.10
N SER B 34 15.25 -46.88 5.28
CA SER B 34 15.19 -47.77 6.44
C SER B 34 14.11 -48.82 6.28
N LEU B 35 12.98 -48.45 5.67
CA LEU B 35 11.87 -49.38 5.57
C LEU B 35 12.16 -50.49 4.56
N LYS B 36 12.71 -50.15 3.39
CA LYS B 36 13.03 -51.19 2.42
C LYS B 36 14.12 -52.12 2.95
N LEU B 37 15.07 -51.60 3.71
CA LEU B 37 16.09 -52.45 4.33
C LEU B 37 15.43 -53.51 5.20
N GLU B 38 14.35 -53.15 5.88
CA GLU B 38 13.61 -54.14 6.66
C GLU B 38 12.93 -55.15 5.77
N ASN B 39 12.46 -54.75 4.58
CA ASN B 39 11.87 -55.71 3.66
C ASN B 39 12.88 -56.76 3.24
N ARG B 40 14.01 -56.31 2.66
CA ARG B 40 15.07 -57.23 2.25
C ARG B 40 15.51 -58.13 3.39
N HIS B 41 15.49 -57.61 4.62
CA HIS B 41 15.87 -58.43 5.77
C HIS B 41 14.70 -59.26 6.29
N LEU B 42 13.46 -58.82 6.07
CA LEU B 42 12.32 -59.64 6.43
C LEU B 42 12.06 -60.72 5.39
N SER B 43 12.09 -60.37 4.11
CA SER B 43 11.88 -61.37 3.07
C SER B 43 12.94 -62.46 3.13
N GLU B 44 14.17 -62.07 3.48
CA GLU B 44 15.24 -63.06 3.63
C GLU B 44 14.91 -64.05 4.74
N VAL B 46 11.93 -64.97 5.63
CA VAL B 46 10.90 -65.84 5.07
C VAL B 46 11.53 -66.93 4.22
N LYS B 48 14.69 -68.06 4.16
CA LYS B 48 15.45 -68.97 5.01
C LYS B 48 14.53 -69.91 5.77
N LEU B 49 13.37 -69.42 6.21
CA LEU B 49 12.47 -70.23 7.01
C LEU B 49 11.87 -71.35 6.17
N GLU B 50 11.39 -71.03 4.97
CA GLU B 50 10.80 -72.03 4.11
C GLU B 50 11.82 -72.79 3.27
N LEU B 51 13.11 -72.53 3.48
CA LEU B 51 14.13 -73.46 3.04
C LEU B 51 14.27 -74.61 4.03
N GLY B 52 13.95 -74.36 5.30
CA GLY B 52 14.19 -75.34 6.33
C GLY B 52 13.18 -76.47 6.37
N LEU B 53 11.92 -76.16 6.08
CA LEU B 53 10.87 -77.16 6.11
C LEU B 53 10.97 -78.14 4.94
N GLY C 1 11.49 -50.25 -7.75
CA GLY C 1 10.90 -50.29 -9.09
C GLY C 1 11.16 -49.01 -9.85
N SER C 2 10.31 -48.72 -10.83
CA SER C 2 10.44 -47.50 -11.62
C SER C 2 9.63 -46.35 -11.04
N GLU C 3 8.38 -46.62 -10.64
CA GLU C 3 7.59 -45.60 -9.96
C GLU C 3 8.23 -45.20 -8.64
N PHE C 4 8.91 -46.15 -7.99
CA PHE C 4 9.57 -45.84 -6.73
C PHE C 4 10.86 -45.06 -6.96
N ASP C 6 11.77 -43.06 -9.50
CA ASP C 6 11.50 -41.68 -9.91
C ASP C 6 11.03 -40.83 -8.75
N GLU C 8 12.48 -41.23 -5.69
CA GLU C 8 13.70 -40.95 -4.93
C GLU C 8 14.57 -39.91 -5.63
N LYS C 9 14.63 -39.95 -6.95
CA LYS C 9 15.40 -38.94 -7.66
C LYS C 9 14.76 -37.56 -7.59
N ARG C 10 13.48 -37.48 -7.24
CA ARG C 10 12.87 -36.17 -7.04
C ARG C 10 13.03 -35.70 -5.59
N LEU C 11 12.89 -36.63 -4.64
CA LEU C 11 13.03 -36.26 -3.23
C LEU C 11 14.46 -35.89 -2.89
N ARG C 12 15.43 -36.52 -3.56
CA ARG C 12 16.82 -36.14 -3.37
C ARG C 12 17.09 -34.78 -3.98
N ALA C 13 16.62 -34.56 -5.22
CA ALA C 13 16.85 -33.28 -5.88
C ALA C 13 16.10 -32.16 -5.19
N GLU C 14 14.90 -32.44 -4.68
CA GLU C 14 14.17 -31.44 -3.91
C GLU C 14 14.91 -31.07 -2.63
N GLN C 16 18.42 -31.08 -2.16
CA GLN C 16 19.56 -30.22 -2.46
C GLN C 16 19.12 -28.84 -2.90
N LYS C 17 17.87 -28.69 -3.36
CA LYS C 17 17.30 -27.36 -3.55
C LYS C 17 17.31 -26.61 -2.23
N ALA C 18 16.70 -27.19 -1.19
CA ALA C 18 16.68 -26.56 0.12
C ALA C 18 18.09 -26.43 0.69
N GLU C 19 18.97 -27.38 0.37
CA GLU C 19 20.34 -27.27 0.83
C GLU C 19 21.15 -26.30 -0.01
N ASP C 20 20.69 -25.96 -1.21
CA ASP C 20 21.35 -24.91 -1.99
C ASP C 20 20.91 -23.53 -1.53
N LYS C 21 19.60 -23.33 -1.37
CA LYS C 21 19.09 -22.03 -0.95
C LYS C 21 19.57 -21.66 0.46
N ALA C 22 19.85 -22.66 1.29
CA ALA C 22 20.44 -22.38 2.60
C ALA C 22 21.88 -21.90 2.46
N VAL C 23 22.61 -22.40 1.44
CA VAL C 23 23.97 -21.94 1.24
C VAL C 23 23.97 -20.53 0.66
N GLU C 24 23.01 -20.24 -0.23
CA GLU C 24 22.89 -18.88 -0.77
C GLU C 24 22.54 -17.87 0.31
N HIS C 25 21.77 -18.26 1.32
CA HIS C 25 21.56 -17.40 2.47
C HIS C 25 22.83 -17.22 3.27
N LYS C 26 23.52 -18.34 3.56
CA LYS C 26 24.83 -18.27 4.20
C LYS C 26 25.78 -17.38 3.40
N GLU C 27 25.71 -17.45 2.07
CA GLU C 27 26.53 -16.58 1.24
C GLU C 27 26.25 -15.12 1.53
N ILE C 28 24.97 -14.74 1.60
CA ILE C 28 24.62 -13.35 1.86
C ILE C 28 25.03 -12.95 3.27
N LEU C 29 24.84 -13.84 4.25
CA LEU C 29 25.06 -13.48 5.64
C LEU C 29 26.52 -13.12 5.91
N ASP C 30 27.42 -14.08 5.74
CA ASP C 30 28.83 -13.86 6.04
C ASP C 30 29.57 -13.10 4.95
N GLN C 31 28.85 -12.61 3.93
CA GLN C 31 29.41 -11.57 3.07
C GLN C 31 29.04 -10.18 3.57
N LEU C 32 27.88 -10.05 4.22
CA LEU C 32 27.58 -8.83 4.95
C LEU C 32 28.55 -8.65 6.11
N GLU C 33 28.80 -9.72 6.86
CA GLU C 33 29.74 -9.64 7.98
C GLU C 33 31.16 -9.37 7.49
N SER C 34 31.50 -9.86 6.29
CA SER C 34 32.81 -9.56 5.74
C SER C 34 32.96 -8.08 5.45
N LEU C 35 31.95 -7.47 4.84
CA LEU C 35 31.96 -6.03 4.63
C LEU C 35 31.87 -5.27 5.95
N LYS C 36 31.18 -5.85 6.94
CA LYS C 36 31.16 -5.26 8.27
C LYS C 36 32.56 -5.25 8.88
N LEU C 37 33.33 -6.31 8.65
CA LEU C 37 34.67 -6.40 9.25
C LEU C 37 35.64 -5.45 8.56
N GLU C 38 35.61 -5.40 7.23
CA GLU C 38 36.44 -4.44 6.51
C GLU C 38 36.12 -3.01 6.94
N ASN C 39 34.84 -2.73 7.21
CA ASN C 39 34.45 -1.38 7.60
C ASN C 39 35.07 -0.99 8.93
N ARG C 40 34.98 -1.88 9.93
CA ARG C 40 35.61 -1.60 11.22
C ARG C 40 37.13 -1.54 11.09
N HIS C 41 37.71 -2.42 10.27
CA HIS C 41 39.16 -2.46 10.13
C HIS C 41 39.67 -1.19 9.46
N LEU C 42 38.96 -0.68 8.45
CA LEU C 42 39.34 0.58 7.83
C LEU C 42 39.08 1.76 8.77
N SER C 43 37.99 1.70 9.55
CA SER C 43 37.72 2.77 10.50
C SER C 43 38.81 2.88 11.54
N GLU C 44 39.29 1.74 12.04
CA GLU C 44 40.34 1.77 13.05
C GLU C 44 41.69 2.18 12.46
N VAL C 46 41.98 4.48 10.14
CA VAL C 46 41.81 5.93 10.14
C VAL C 46 42.03 6.49 11.54
N LYS C 48 43.62 5.09 14.22
CA LYS C 48 45.01 4.94 14.63
C LYS C 48 45.92 5.92 13.90
N LEU C 49 45.54 6.33 12.69
CA LEU C 49 46.36 7.28 11.94
C LEU C 49 46.27 8.69 12.54
N GLU C 50 45.07 9.24 12.63
CA GLU C 50 44.90 10.59 13.18
C GLU C 50 45.40 10.67 14.62
N LEU C 51 45.40 9.56 15.35
CA LEU C 51 45.95 9.53 16.69
C LEU C 51 47.47 9.68 16.65
N SER D 2 -20.21 -12.10 -1.43
CA SER D 2 -19.48 -12.40 -0.21
C SER D 2 -18.40 -13.45 -0.48
N GLU D 3 -18.77 -14.51 -1.18
CA GLU D 3 -17.78 -15.48 -1.64
C GLU D 3 -16.78 -14.81 -2.57
N PHE D 4 -17.26 -13.90 -3.42
CA PHE D 4 -16.38 -13.09 -4.24
C PHE D 4 -15.48 -12.22 -3.37
N ASP D 6 -14.04 -12.19 -0.12
CA ASP D 6 -12.81 -12.61 0.56
C ASP D 6 -11.72 -13.03 -0.42
N GLU D 8 -11.04 -11.56 -3.22
CA GLU D 8 -10.37 -10.31 -3.61
C GLU D 8 -9.42 -9.85 -2.52
N LYS D 9 -9.76 -10.06 -1.25
CA LYS D 9 -8.85 -9.71 -0.17
C LYS D 9 -7.74 -10.74 -0.02
N ARG D 10 -8.08 -12.02 -0.16
CA ARG D 10 -7.05 -13.07 -0.15
C ARG D 10 -6.08 -12.91 -1.31
N LEU D 11 -6.57 -12.39 -2.45
CA LEU D 11 -5.70 -12.14 -3.58
C LEU D 11 -4.85 -10.90 -3.35
N ARG D 12 -5.47 -9.82 -2.86
CA ARG D 12 -4.73 -8.61 -2.56
C ARG D 12 -3.68 -8.85 -1.48
N ALA D 13 -3.99 -9.71 -0.51
CA ALA D 13 -3.02 -10.02 0.53
C ALA D 13 -1.81 -10.75 -0.06
N GLU D 14 -2.05 -11.66 -1.00
CA GLU D 14 -0.94 -12.35 -1.65
C GLU D 14 -0.09 -11.38 -2.47
N GLN D 16 0.45 -8.28 -1.56
CA GLN D 16 1.27 -7.59 -0.56
C GLN D 16 2.44 -8.45 -0.11
N LYS D 17 2.19 -9.75 0.08
CA LYS D 17 3.27 -10.67 0.43
C LYS D 17 4.35 -10.67 -0.66
N ALA D 18 3.94 -10.56 -1.92
CA ALA D 18 4.91 -10.52 -3.01
C ALA D 18 5.60 -9.16 -3.07
N GLU D 19 4.84 -8.07 -2.89
CA GLU D 19 5.45 -6.75 -2.87
C GLU D 19 6.47 -6.63 -1.74
N ASP D 20 6.17 -7.21 -0.58
CA ASP D 20 7.07 -7.11 0.56
C ASP D 20 8.38 -7.85 0.30
N LYS D 21 8.29 -9.05 -0.29
CA LYS D 21 9.50 -9.81 -0.61
C LYS D 21 10.39 -9.05 -1.59
N ALA D 22 9.78 -8.41 -2.59
CA ALA D 22 10.56 -7.64 -3.54
C ALA D 22 11.26 -6.47 -2.86
N VAL D 23 10.66 -5.91 -1.82
CA VAL D 23 11.29 -4.82 -1.09
C VAL D 23 12.45 -5.33 -0.25
N GLU D 24 12.26 -6.47 0.44
CA GLU D 24 13.31 -7.01 1.29
C GLU D 24 14.56 -7.35 0.48
N HIS D 25 14.37 -7.88 -0.74
CA HIS D 25 15.51 -8.18 -1.60
C HIS D 25 16.25 -6.89 -1.97
N LYS D 26 15.52 -5.79 -2.16
CA LYS D 26 16.16 -4.53 -2.51
C LYS D 26 16.96 -3.98 -1.33
N GLU D 27 16.46 -4.18 -0.11
CA GLU D 27 17.22 -3.77 1.07
C GLU D 27 18.60 -4.40 1.09
N ILE D 28 18.66 -5.73 0.96
CA ILE D 28 19.94 -6.42 0.94
C ILE D 28 20.80 -5.91 -0.20
N LEU D 29 20.20 -5.71 -1.37
CA LEU D 29 20.93 -5.12 -2.49
C LEU D 29 21.40 -3.70 -2.16
N ASP D 30 20.57 -2.95 -1.42
CA ASP D 30 20.91 -1.58 -1.10
C ASP D 30 21.99 -1.52 -0.03
N GLN D 31 21.76 -2.19 1.10
CA GLN D 31 22.71 -2.13 2.20
C GLN D 31 24.04 -2.76 1.84
N LEU D 32 24.03 -3.75 0.93
CA LEU D 32 25.28 -4.27 0.39
C LEU D 32 26.03 -3.19 -0.37
N GLU D 33 25.37 -2.60 -1.38
CA GLU D 33 25.98 -1.50 -2.13
C GLU D 33 26.28 -0.31 -1.23
N SER D 34 25.49 -0.11 -0.18
CA SER D 34 25.76 0.97 0.76
C SER D 34 27.07 0.72 1.51
N LEU D 35 27.30 -0.53 1.92
CA LEU D 35 28.51 -0.83 2.68
C LEU D 35 29.75 -0.78 1.79
N LYS D 36 29.64 -1.24 0.55
CA LYS D 36 30.78 -1.20 -0.36
C LYS D 36 31.12 0.22 -0.78
N LEU D 37 30.17 1.15 -0.65
CA LEU D 37 30.46 2.56 -0.90
C LEU D 37 31.20 3.17 0.29
N GLU D 38 30.69 2.92 1.51
CA GLU D 38 31.37 3.42 2.70
C GLU D 38 32.76 2.81 2.85
N ASN D 39 32.95 1.59 2.36
CA ASN D 39 34.26 0.95 2.46
C ASN D 39 35.25 1.52 1.46
N ARG D 40 34.78 1.95 0.29
CA ARG D 40 35.66 2.66 -0.63
C ARG D 40 35.95 4.07 -0.14
N HIS D 41 34.93 4.75 0.39
CA HIS D 41 35.14 6.09 0.95
C HIS D 41 36.14 6.04 2.11
N LEU D 42 36.00 5.05 2.98
CA LEU D 42 36.97 4.88 4.07
C LEU D 42 38.35 4.55 3.53
N SER D 43 38.41 3.68 2.52
CA SER D 43 39.70 3.31 1.94
C SER D 43 40.41 4.52 1.35
N GLU D 44 39.66 5.49 0.83
CA GLU D 44 40.27 6.69 0.29
C GLU D 44 40.86 7.56 1.40
N VAL D 46 42.14 6.52 4.16
CA VAL D 46 43.39 5.88 4.58
C VAL D 46 44.52 6.26 3.64
N LYS D 48 44.69 9.11 1.56
CA LYS D 48 44.97 10.53 1.74
C LYS D 48 45.72 10.78 3.04
N LEU D 49 45.32 10.11 4.11
CA LEU D 49 45.95 10.35 5.42
C LEU D 49 47.34 9.76 5.48
N GLU D 50 47.62 8.71 4.70
CA GLU D 50 48.88 7.99 4.82
C GLU D 50 50.10 8.82 4.42
N LEU D 51 49.90 10.03 3.92
CA LEU D 51 51.02 10.92 3.62
C LEU D 51 51.44 11.69 4.87
N GLY E 1 34.23 -10.05 -4.34
CA GLY E 1 34.72 -9.36 -5.51
C GLY E 1 34.27 -9.99 -6.82
N SER E 2 34.20 -11.32 -6.85
CA SER E 2 33.81 -12.02 -8.07
C SER E 2 32.75 -13.06 -7.78
N GLU E 3 33.00 -13.95 -6.80
CA GLU E 3 31.92 -14.76 -6.26
C GLU E 3 30.85 -13.89 -5.62
N PHE E 4 31.20 -12.67 -5.21
CA PHE E 4 30.24 -11.70 -4.73
C PHE E 4 29.25 -11.30 -5.82
N ASP E 6 28.19 -12.87 -8.53
CA ASP E 6 27.19 -13.87 -8.85
C ASP E 6 26.06 -13.89 -7.84
N GLU E 8 25.03 -10.95 -6.18
CA GLU E 8 24.28 -9.74 -6.49
C GLU E 8 23.27 -10.00 -7.60
N LYS E 9 23.67 -10.75 -8.63
CA LYS E 9 22.75 -11.04 -9.72
C LYS E 9 21.65 -11.99 -9.27
N ARG E 10 21.99 -12.98 -8.44
CA ARG E 10 20.97 -13.89 -7.90
C ARG E 10 19.96 -13.13 -7.07
N LEU E 11 20.43 -12.16 -6.27
CA LEU E 11 19.50 -11.31 -5.53
C LEU E 11 18.66 -10.46 -6.48
N ARG E 12 19.25 -9.98 -7.56
CA ARG E 12 18.49 -9.19 -8.53
C ARG E 12 17.46 -10.05 -9.24
N ALA E 13 17.81 -11.29 -9.58
CA ALA E 13 16.87 -12.18 -10.24
C ALA E 13 15.68 -12.47 -9.35
N GLU E 14 15.92 -12.78 -8.08
CA GLU E 14 14.82 -13.06 -7.17
C GLU E 14 13.97 -11.82 -6.92
N GLN E 16 13.38 -9.34 -9.28
CA GLN E 16 12.54 -9.21 -10.47
C GLN E 16 11.41 -10.23 -10.46
N LYS E 17 11.74 -11.49 -10.19
CA LYS E 17 10.71 -12.53 -10.14
C LYS E 17 9.69 -12.29 -9.03
N ALA E 18 10.04 -11.48 -8.04
CA ALA E 18 9.05 -11.06 -7.05
C ALA E 18 8.22 -9.89 -7.55
N GLU E 19 8.86 -8.96 -8.27
CA GLU E 19 8.11 -7.87 -8.88
C GLU E 19 7.20 -8.39 -9.97
N ASP E 20 7.63 -9.41 -10.71
CA ASP E 20 6.78 -10.02 -11.72
C ASP E 20 5.52 -10.61 -11.09
N LYS E 21 5.67 -11.23 -9.92
CA LYS E 21 4.52 -11.85 -9.25
C LYS E 21 3.61 -10.78 -8.66
N ALA E 22 4.18 -9.69 -8.17
CA ALA E 22 3.37 -8.58 -7.68
C ALA E 22 2.57 -7.93 -8.82
N VAL E 23 3.13 -7.92 -10.03
CA VAL E 23 2.40 -7.38 -11.17
C VAL E 23 1.37 -8.38 -11.67
N GLU E 24 1.72 -9.67 -11.67
CA GLU E 24 0.77 -10.70 -12.09
C GLU E 24 -0.48 -10.68 -11.22
N HIS E 25 -0.32 -10.50 -9.91
CA HIS E 25 -1.48 -10.38 -9.03
C HIS E 25 -2.29 -9.14 -9.35
N LYS E 26 -1.61 -8.05 -9.72
CA LYS E 26 -2.31 -6.81 -10.06
C LYS E 26 -3.24 -7.02 -11.25
N GLU E 27 -2.79 -7.75 -12.27
CA GLU E 27 -3.65 -8.05 -13.40
C GLU E 27 -4.85 -8.88 -12.99
N ILE E 28 -4.68 -9.78 -12.01
CA ILE E 28 -5.80 -10.58 -11.55
C ILE E 28 -6.83 -9.69 -10.85
N LEU E 29 -6.36 -8.75 -10.05
CA LEU E 29 -7.27 -7.83 -9.36
C LEU E 29 -7.89 -6.83 -10.33
N ASP E 30 -7.18 -6.51 -11.41
CA ASP E 30 -7.65 -5.48 -12.33
C ASP E 30 -8.70 -6.02 -13.30
N GLN E 31 -8.49 -7.24 -13.82
CA GLN E 31 -9.48 -7.84 -14.70
C GLN E 31 -10.77 -8.16 -13.95
N LEU E 32 -10.66 -8.57 -12.68
CA LEU E 32 -11.86 -8.81 -11.88
C LEU E 32 -12.64 -7.53 -11.69
N GLU E 33 -11.97 -6.47 -11.23
CA GLU E 33 -12.65 -5.17 -11.06
C GLU E 33 -13.15 -4.64 -12.40
N SER E 34 -12.49 -5.01 -13.50
CA SER E 34 -12.98 -4.63 -14.81
C SER E 34 -14.26 -5.37 -15.16
N LEU E 35 -14.36 -6.63 -14.76
CA LEU E 35 -15.52 -7.43 -15.14
C LEU E 35 -16.76 -7.02 -14.35
N LYS E 36 -16.63 -6.84 -13.03
CA LYS E 36 -17.79 -6.42 -12.25
C LYS E 36 -18.26 -5.01 -12.62
N LEU E 37 -17.39 -4.18 -13.19
CA LEU E 37 -17.83 -2.88 -13.67
C LEU E 37 -18.59 -3.00 -14.99
N GLU E 38 -18.24 -3.99 -15.82
CA GLU E 38 -18.99 -4.20 -17.05
C GLU E 38 -20.36 -4.81 -16.75
N ASN E 39 -20.47 -5.62 -15.70
CA ASN E 39 -21.77 -6.08 -15.25
C ASN E 39 -22.69 -4.91 -14.91
N ARG E 40 -22.25 -4.06 -13.98
CA ARG E 40 -23.06 -2.92 -13.57
C ARG E 40 -23.40 -2.03 -14.77
N HIS E 41 -22.46 -1.89 -15.71
CA HIS E 41 -22.75 -1.15 -16.93
C HIS E 41 -23.81 -1.87 -17.76
N LEU E 42 -23.65 -3.19 -17.91
CA LEU E 42 -24.64 -3.96 -18.67
C LEU E 42 -25.93 -4.13 -17.88
N SER E 43 -25.83 -4.37 -16.57
CA SER E 43 -27.03 -4.56 -15.76
C SER E 43 -27.86 -3.29 -15.71
N GLU E 44 -27.22 -2.13 -15.54
CA GLU E 44 -27.97 -0.88 -15.49
C GLU E 44 -28.51 -0.49 -16.87
N VAL E 46 -29.67 -2.77 -19.07
CA VAL E 46 -30.88 -3.58 -19.12
C VAL E 46 -31.99 -2.92 -18.34
N LYS E 48 -32.38 0.38 -17.54
CA LYS E 48 -32.83 1.54 -18.32
C LYS E 48 -33.71 1.09 -19.48
N LEU E 49 -33.25 0.10 -20.25
CA LEU E 49 -34.03 -0.38 -21.38
C LEU E 49 -35.36 -1.00 -20.90
N GLU E 50 -35.34 -1.66 -19.74
CA GLU E 50 -36.55 -2.32 -19.26
C GLU E 50 -37.62 -1.34 -18.80
N LEU E 51 -37.26 -0.10 -18.51
CA LEU E 51 -38.20 0.90 -18.02
C LEU E 51 -39.25 1.22 -19.08
N SER F 2 6.48 -43.19 16.24
CA SER F 2 6.35 -41.79 16.61
C SER F 2 7.15 -40.91 15.67
N GLU F 3 8.45 -41.21 15.56
CA GLU F 3 9.29 -40.56 14.57
C GLU F 3 8.70 -40.70 13.17
N PHE F 4 8.12 -41.87 12.89
CA PHE F 4 7.60 -42.17 11.57
C PHE F 4 6.22 -41.58 11.35
N ASP F 6 4.79 -39.01 13.03
CA ASP F 6 4.71 -37.56 13.15
C ASP F 6 5.07 -36.90 11.82
N GLU F 8 4.44 -38.20 9.07
CA GLU F 8 3.29 -38.46 8.23
C GLU F 8 2.28 -37.32 8.33
N LYS F 9 2.08 -36.80 9.55
CA LYS F 9 1.32 -35.56 9.72
C LYS F 9 1.95 -34.43 8.92
N ARG F 10 3.26 -34.23 9.12
CA ARG F 10 3.99 -33.21 8.38
C ARG F 10 3.81 -33.37 6.86
N LEU F 11 3.68 -34.61 6.40
CA LEU F 11 3.46 -34.85 4.97
C LEU F 11 2.02 -34.54 4.58
N ARG F 12 1.05 -35.03 5.35
CA ARG F 12 -0.35 -34.78 5.03
C ARG F 12 -0.70 -33.30 5.12
N ALA F 13 -0.19 -32.62 6.16
CA ALA F 13 -0.44 -31.19 6.28
C ALA F 13 0.15 -30.41 5.12
N GLU F 14 1.29 -30.86 4.60
CA GLU F 14 1.88 -30.20 3.43
C GLU F 14 1.15 -30.58 2.15
N GLN F 16 -2.27 -31.15 1.93
CA GLN F 16 -3.46 -30.31 1.93
C GLN F 16 -3.10 -28.84 1.74
N LYS F 17 -1.92 -28.43 2.21
CA LYS F 17 -1.44 -27.08 1.93
C LYS F 17 -1.17 -26.87 0.45
N ALA F 18 -1.03 -27.95 -0.32
CA ALA F 18 -0.91 -27.86 -1.77
C ALA F 18 -2.27 -27.98 -2.45
N GLU F 19 -3.14 -28.85 -1.92
CA GLU F 19 -4.51 -28.95 -2.44
C GLU F 19 -5.26 -27.64 -2.24
N ASP F 20 -5.11 -27.04 -1.05
CA ASP F 20 -5.78 -25.78 -0.76
C ASP F 20 -5.40 -24.71 -1.77
N LYS F 21 -4.13 -24.71 -2.19
CA LYS F 21 -3.69 -23.77 -3.21
C LYS F 21 -4.36 -24.05 -4.55
N ALA F 22 -4.40 -25.33 -4.94
CA ALA F 22 -5.04 -25.68 -6.21
C ALA F 22 -6.53 -25.37 -6.18
N VAL F 23 -7.16 -25.44 -5.02
CA VAL F 23 -8.56 -25.05 -4.91
C VAL F 23 -8.70 -23.54 -5.06
N GLU F 24 -7.80 -22.78 -4.41
CA GLU F 24 -7.85 -21.33 -4.51
C GLU F 24 -7.65 -20.84 -5.93
N HIS F 25 -6.87 -21.57 -6.73
CA HIS F 25 -6.69 -21.20 -8.13
C HIS F 25 -7.93 -21.54 -8.95
N LYS F 26 -8.49 -22.73 -8.75
CA LYS F 26 -9.72 -23.11 -9.44
C LYS F 26 -10.86 -22.16 -9.09
N GLU F 27 -10.86 -21.63 -7.86
CA GLU F 27 -11.88 -20.65 -7.49
C GLU F 27 -11.75 -19.38 -8.31
N ILE F 28 -10.52 -18.92 -8.56
CA ILE F 28 -10.31 -17.75 -9.40
C ILE F 28 -10.73 -18.07 -10.84
N LEU F 29 -10.30 -19.23 -11.34
CA LEU F 29 -10.57 -19.56 -12.75
C LEU F 29 -12.05 -19.78 -12.99
N ASP F 30 -12.76 -20.38 -12.03
CA ASP F 30 -14.20 -20.55 -12.18
C ASP F 30 -14.93 -19.22 -12.05
N GLN F 31 -14.65 -18.47 -10.98
CA GLN F 31 -15.40 -17.26 -10.70
C GLN F 31 -15.15 -16.20 -11.78
N LEU F 32 -13.97 -16.22 -12.40
CA LEU F 32 -13.65 -15.29 -13.47
C LEU F 32 -14.28 -15.70 -14.80
N GLU F 33 -14.61 -16.98 -14.96
CA GLU F 33 -15.42 -17.41 -16.09
C GLU F 33 -16.90 -17.18 -15.84
N SER F 34 -17.36 -17.45 -14.61
CA SER F 34 -18.74 -17.17 -14.27
C SER F 34 -19.08 -15.70 -14.52
N LEU F 35 -18.16 -14.80 -14.17
CA LEU F 35 -18.34 -13.39 -14.49
C LEU F 35 -18.42 -13.19 -16.00
N LYS F 36 -17.47 -13.75 -16.74
CA LYS F 36 -17.46 -13.65 -18.19
C LYS F 36 -18.73 -14.22 -18.81
N LEU F 37 -19.34 -15.21 -18.16
CA LEU F 37 -20.54 -15.84 -18.70
C LEU F 37 -21.74 -14.92 -18.59
N GLU F 38 -22.03 -14.42 -17.38
CA GLU F 38 -23.19 -13.56 -17.23
C GLU F 38 -23.04 -12.22 -17.95
N ASN F 39 -21.82 -11.82 -18.32
CA ASN F 39 -21.68 -10.62 -19.13
C ASN F 39 -22.27 -10.82 -20.51
N ARG F 40 -21.95 -11.94 -21.16
CA ARG F 40 -22.61 -12.31 -22.41
C ARG F 40 -24.11 -12.47 -22.18
N HIS F 41 -24.48 -13.11 -21.06
CA HIS F 41 -25.89 -13.27 -20.74
C HIS F 41 -26.57 -11.93 -20.56
N LEU F 42 -25.84 -10.93 -20.05
CA LEU F 42 -26.38 -9.57 -19.99
C LEU F 42 -26.28 -8.87 -21.33
N SER F 43 -25.15 -9.01 -22.02
CA SER F 43 -24.98 -8.38 -23.33
C SER F 43 -26.08 -8.81 -24.30
N GLU F 44 -26.62 -10.01 -24.12
CA GLU F 44 -27.70 -10.48 -24.99
C GLU F 44 -29.03 -9.82 -24.65
N VAL F 46 -29.46 -6.85 -23.47
CA VAL F 46 -29.41 -5.50 -24.01
C VAL F 46 -29.76 -5.53 -25.49
N LYS F 48 -31.39 -8.11 -27.17
CA LYS F 48 -32.78 -8.55 -27.30
C LYS F 48 -33.76 -7.42 -26.99
N LEU F 49 -33.48 -6.65 -25.94
CA LEU F 49 -34.37 -5.56 -25.57
C LEU F 49 -34.36 -4.46 -26.62
N GLU F 50 -33.16 -4.08 -27.09
CA GLU F 50 -33.06 -2.98 -28.03
C GLU F 50 -33.66 -3.33 -29.39
N LEU F 51 -33.67 -4.61 -29.74
CA LEU F 51 -34.31 -5.04 -30.98
C LEU F 51 -35.82 -5.06 -30.87
N GLY F 52 -36.34 -5.31 -29.67
CA GLY F 52 -37.78 -5.35 -29.46
C GLY F 52 -38.24 -6.62 -28.80
N GLY G 1 -1.49 23.62 32.16
CA GLY G 1 -1.93 22.24 32.16
C GLY G 1 -1.13 21.36 31.22
N SER G 2 -1.76 20.28 30.75
CA SER G 2 -1.12 19.36 29.81
C SER G 2 -1.95 19.25 28.54
N GLU G 3 -3.29 19.22 28.66
CA GLU G 3 -4.12 19.42 27.50
C GLU G 3 -3.93 20.82 26.92
N PHE G 4 -3.52 21.78 27.76
CA PHE G 4 -3.04 23.08 27.30
C PHE G 4 -1.67 22.96 26.64
N ASP G 6 -0.95 20.02 25.03
CA ASP G 6 -1.36 19.27 23.85
C ASP G 6 -2.01 20.17 22.81
N GLU G 8 -1.24 23.44 22.42
CA GLU G 8 -0.14 24.18 21.83
C GLU G 8 0.65 23.34 20.84
N LYS G 9 0.71 22.03 21.06
CA LYS G 9 1.38 21.13 20.12
C LYS G 9 0.65 21.14 18.78
N ARG G 10 -0.64 20.82 18.80
CA ARG G 10 -1.43 20.76 17.58
C ARG G 10 -1.40 22.07 16.82
N LEU G 11 -1.44 23.20 17.55
CA LEU G 11 -1.39 24.50 16.92
C LEU G 11 -0.04 24.71 16.23
N ARG G 12 1.05 24.51 16.96
CA ARG G 12 2.40 24.74 16.42
C ARG G 12 2.78 23.72 15.38
N ALA G 13 2.03 22.62 15.25
CA ALA G 13 2.17 21.70 14.14
C ALA G 13 1.36 22.17 12.93
N GLU G 14 0.13 22.61 13.17
CA GLU G 14 -0.70 23.16 12.10
C GLU G 14 -0.05 24.40 11.49
N GLN G 16 3.40 25.19 11.42
CA GLN G 16 4.53 24.75 10.60
C GLN G 16 4.05 24.01 9.36
N LYS G 17 2.91 23.33 9.45
CA LYS G 17 2.28 22.72 8.29
C LYS G 17 1.78 23.78 7.30
N ALA G 18 1.56 25.01 7.75
CA ALA G 18 1.12 26.09 6.88
C ALA G 18 2.29 26.87 6.28
N GLU G 19 3.27 27.24 7.09
CA GLU G 19 4.44 27.90 6.53
C GLU G 19 5.33 26.94 5.75
N ASP G 20 5.08 25.63 5.83
CA ASP G 20 5.72 24.71 4.90
C ASP G 20 5.08 24.82 3.52
N LYS G 21 3.74 24.86 3.48
CA LYS G 21 3.04 25.01 2.21
C LYS G 21 3.29 26.38 1.59
N ALA G 22 3.40 27.42 2.42
CA ALA G 22 3.77 28.75 1.91
C ALA G 22 5.19 28.78 1.38
N VAL G 23 6.07 27.90 1.88
CA VAL G 23 7.42 27.82 1.35
C VAL G 23 7.45 27.05 0.03
N GLU G 24 6.66 25.98 -0.06
CA GLU G 24 6.58 25.21 -1.30
C GLU G 24 6.08 26.08 -2.45
N HIS G 25 5.15 26.98 -2.16
CA HIS G 25 4.68 27.91 -3.18
C HIS G 25 5.75 28.90 -3.60
N LYS G 26 6.78 29.12 -2.76
CA LYS G 26 7.86 30.03 -3.14
C LYS G 26 8.76 29.39 -4.19
N GLU G 27 9.33 28.22 -3.87
CA GLU G 27 10.27 27.58 -4.80
C GLU G 27 9.65 27.36 -6.16
N ILE G 28 8.37 26.99 -6.19
CA ILE G 28 7.66 26.87 -7.46
C ILE G 28 7.64 28.22 -8.18
N LEU G 29 7.25 29.26 -7.47
CA LEU G 29 7.29 30.61 -8.03
C LEU G 29 8.72 31.07 -8.25
N ASP G 30 9.66 30.61 -7.41
CA ASP G 30 11.05 31.00 -7.57
C ASP G 30 11.70 30.31 -8.76
N GLN G 31 11.52 28.99 -8.86
CA GLN G 31 12.11 28.25 -9.97
C GLN G 31 11.51 28.70 -11.30
N LEU G 32 10.21 29.00 -11.31
CA LEU G 32 9.57 29.50 -12.52
C LEU G 32 10.17 30.82 -12.97
N GLU G 33 10.88 31.52 -12.08
CA GLU G 33 11.57 32.75 -12.44
C GLU G 33 13.01 32.48 -12.87
N SER G 34 13.71 31.58 -12.16
CA SER G 34 15.07 31.24 -12.56
C SER G 34 15.11 30.60 -13.95
N LEU G 35 14.07 29.85 -14.31
CA LEU G 35 13.98 29.33 -15.67
C LEU G 35 13.54 30.43 -16.64
N LYS G 36 12.63 31.29 -16.22
CA LYS G 36 12.25 32.44 -17.04
C LYS G 36 13.44 33.37 -17.26
N LEU G 37 14.24 33.59 -16.21
CA LEU G 37 15.38 34.48 -16.33
C LEU G 37 16.51 33.85 -17.14
N GLU G 38 16.65 32.53 -17.07
CA GLU G 38 17.69 31.85 -17.85
C GLU G 38 17.42 31.94 -19.34
N ASN G 39 16.14 32.00 -19.75
CA ASN G 39 15.83 31.98 -21.17
C ASN G 39 15.99 33.36 -21.80
N ARG G 40 15.77 34.42 -21.03
CA ARG G 40 16.15 35.75 -21.53
C ARG G 40 17.67 35.85 -21.67
N HIS G 41 18.41 35.20 -20.76
CA HIS G 41 19.86 35.19 -20.84
C HIS G 41 20.35 34.30 -21.97
N LEU G 42 19.80 33.09 -22.08
CA LEU G 42 20.19 32.20 -23.17
C LEU G 42 19.88 32.82 -24.53
N SER G 43 18.70 33.44 -24.65
CA SER G 43 18.36 34.12 -25.91
C SER G 43 19.24 35.32 -26.14
N GLU G 44 19.60 36.04 -25.06
CA GLU G 44 20.50 37.18 -25.19
C GLU G 44 21.89 36.77 -25.61
N VAL G 46 22.41 33.94 -27.75
CA VAL G 46 22.22 33.56 -29.14
C VAL G 46 22.21 34.81 -30.02
N LYS G 48 23.58 37.89 -29.19
CA LYS G 48 24.91 38.49 -29.17
C LYS G 48 25.88 37.76 -30.08
N LEU G 49 25.70 36.45 -30.24
CA LEU G 49 26.62 35.65 -31.04
C LEU G 49 26.38 35.85 -32.53
N GLU G 50 25.11 35.88 -32.96
CA GLU G 50 24.81 36.11 -34.37
C GLU G 50 25.29 37.49 -34.80
N LEU G 51 25.14 38.49 -33.94
CA LEU G 51 25.65 39.83 -34.24
C LEU G 51 27.17 39.85 -34.27
N GLY G 52 27.83 38.84 -33.70
CA GLY G 52 29.27 38.77 -33.70
C GLY G 52 29.91 39.69 -32.68
N LEU G 53 29.43 39.64 -31.44
CA LEU G 53 29.97 40.49 -30.38
C LEU G 53 30.55 39.65 -29.25
N SER H 2 -36.07 16.98 -4.13
CA SER H 2 -35.92 18.43 -4.20
C SER H 2 -34.92 18.90 -3.15
N GLU H 3 -34.76 18.10 -2.09
CA GLU H 3 -33.70 18.31 -1.11
C GLU H 3 -32.55 17.34 -1.31
N PHE H 4 -32.87 16.08 -1.65
CA PHE H 4 -31.87 15.17 -2.19
C PHE H 4 -31.10 15.83 -3.35
N ASP H 6 -30.23 18.72 -3.72
CA ASP H 6 -29.30 19.75 -3.26
C ASP H 6 -27.94 19.16 -2.90
N GLU H 8 -26.89 16.51 -4.15
CA GLU H 8 -26.39 16.14 -5.46
C GLU H 8 -25.67 17.31 -6.12
N LYS H 9 -26.21 18.52 -5.97
CA LYS H 9 -25.57 19.69 -6.59
C LYS H 9 -24.29 20.06 -5.87
N ARG H 10 -24.27 19.92 -4.54
CA ARG H 10 -23.07 20.23 -3.77
C ARG H 10 -21.92 19.31 -4.15
N LEU H 11 -22.23 18.05 -4.44
CA LEU H 11 -21.18 17.07 -4.72
C LEU H 11 -20.49 17.37 -6.05
N ARG H 12 -21.28 17.65 -7.10
CA ARG H 12 -20.69 17.96 -8.40
C ARG H 12 -19.89 19.27 -8.33
N ALA H 13 -20.48 20.29 -7.71
CA ALA H 13 -19.76 21.54 -7.50
C ALA H 13 -18.49 21.32 -6.71
N GLU H 14 -18.50 20.34 -5.79
CA GLU H 14 -17.28 20.00 -5.06
C GLU H 14 -16.34 19.17 -5.92
N GLN H 16 -16.05 19.48 -9.20
CA GLN H 16 -15.41 20.46 -10.08
C GLN H 16 -14.29 21.19 -9.36
N LYS H 17 -14.49 21.49 -8.06
CA LYS H 17 -13.44 22.14 -7.28
C LYS H 17 -12.19 21.28 -7.24
N ALA H 18 -12.35 19.95 -7.14
CA ALA H 18 -11.20 19.07 -7.14
C ALA H 18 -10.61 18.94 -8.54
N GLU H 19 -11.47 18.88 -9.56
CA GLU H 19 -10.98 18.75 -10.93
C GLU H 19 -10.19 19.99 -11.35
N ASP H 20 -10.71 21.17 -11.04
CA ASP H 20 -10.01 22.41 -11.41
C ASP H 20 -8.65 22.49 -10.74
N LYS H 21 -8.51 21.94 -9.53
CA LYS H 21 -7.20 21.90 -8.88
C LYS H 21 -6.26 20.97 -9.62
N ALA H 22 -6.73 19.76 -9.94
CA ALA H 22 -5.88 18.81 -10.67
C ALA H 22 -5.46 19.35 -12.02
N VAL H 23 -6.30 20.19 -12.64
CA VAL H 23 -5.91 20.84 -13.88
C VAL H 23 -4.97 22.01 -13.61
N GLU H 24 -5.18 22.72 -12.49
CA GLU H 24 -4.31 23.83 -12.15
C GLU H 24 -2.88 23.36 -11.90
N HIS H 25 -2.69 22.15 -11.37
CA HIS H 25 -1.34 21.62 -11.22
C HIS H 25 -0.76 21.20 -12.56
N LYS H 26 -1.59 20.61 -13.44
CA LYS H 26 -1.07 20.18 -14.73
C LYS H 26 -0.63 21.35 -15.58
N GLU H 27 -1.25 22.53 -15.40
CA GLU H 27 -0.77 23.72 -16.09
C GLU H 27 0.57 24.15 -15.54
N ILE H 28 0.79 23.99 -14.23
CA ILE H 28 2.06 24.35 -13.63
C ILE H 28 3.13 23.30 -13.96
N LEU H 29 2.73 22.02 -13.90
CA LEU H 29 3.68 20.94 -14.14
C LEU H 29 4.08 20.84 -15.61
N ASP H 30 3.21 21.29 -16.52
CA ASP H 30 3.55 21.30 -17.94
C ASP H 30 4.36 22.54 -18.30
N GLN H 31 3.98 23.71 -17.77
CA GLN H 31 4.70 24.93 -18.08
C GLN H 31 6.15 24.85 -17.59
N LEU H 32 6.38 24.19 -16.46
CA LEU H 32 7.73 23.89 -16.04
C LEU H 32 8.45 23.05 -17.09
N GLU H 33 7.79 22.01 -17.60
CA GLU H 33 8.41 21.14 -18.61
C GLU H 33 8.64 21.90 -19.91
N SER H 34 7.71 22.81 -20.25
CA SER H 34 7.88 23.59 -21.47
C SER H 34 9.07 24.55 -21.35
N LEU H 35 9.16 25.27 -20.23
CA LEU H 35 10.29 26.17 -20.01
C LEU H 35 11.61 25.40 -20.00
N LYS H 36 11.63 24.23 -19.35
CA LYS H 36 12.83 23.41 -19.33
C LYS H 36 13.21 22.93 -20.74
N LEU H 37 12.22 22.69 -21.60
CA LEU H 37 12.51 22.29 -22.97
C LEU H 37 13.14 23.43 -23.76
N GLU H 38 12.75 24.67 -23.49
CA GLU H 38 13.34 25.80 -24.20
C GLU H 38 14.80 26.01 -23.81
N ASN H 39 15.16 25.68 -22.57
CA ASN H 39 16.56 25.78 -22.17
C ASN H 39 17.42 24.83 -22.98
N ARG H 40 17.07 23.54 -22.98
CA ARG H 40 17.83 22.55 -23.73
C ARG H 40 17.85 22.84 -25.23
N HIS H 41 16.90 23.64 -25.72
CA HIS H 41 16.90 24.05 -27.12
C HIS H 41 17.60 25.40 -27.32
N LEU H 42 17.55 26.28 -26.32
CA LEU H 42 18.30 27.53 -26.42
C LEU H 42 19.79 27.27 -26.22
N SER H 43 20.15 26.50 -25.18
CA SER H 43 21.56 26.22 -24.92
C SER H 43 22.20 25.49 -26.09
N GLU H 44 21.44 24.61 -26.76
CA GLU H 44 21.97 23.93 -27.93
C GLU H 44 22.25 24.91 -29.06
N VAL H 46 23.20 28.00 -28.58
CA VAL H 46 24.44 28.66 -28.19
C VAL H 46 25.64 27.80 -28.55
N LYS H 48 25.94 25.30 -30.78
CA LYS H 48 26.14 25.29 -32.22
C LYS H 48 26.77 26.59 -32.69
N LEU H 49 26.30 27.72 -32.17
CA LEU H 49 26.81 29.02 -32.59
C LEU H 49 28.26 29.19 -32.19
N GLU H 50 28.61 28.78 -30.96
CA GLU H 50 30.00 28.90 -30.52
C GLU H 50 30.92 27.98 -31.31
N LEU H 51 30.39 26.83 -31.77
CA LEU H 51 31.21 25.93 -32.58
C LEU H 51 31.60 26.58 -33.90
N GLY H 52 30.66 27.26 -34.55
CA GLY H 52 30.91 27.85 -35.84
C GLY H 52 31.69 29.15 -35.79
N LEU H 53 32.49 29.35 -34.74
CA LEU H 53 33.31 30.54 -34.63
C LEU H 53 34.53 30.45 -35.54
N GLY I 1 18.30 19.74 -12.54
CA GLY I 1 18.82 19.57 -11.20
C GLY I 1 18.17 18.42 -10.43
N SER I 2 18.27 18.48 -9.10
CA SER I 2 17.62 17.49 -8.24
C SER I 2 16.74 18.18 -7.20
N GLU I 3 17.12 19.39 -6.77
CA GLU I 3 16.19 20.22 -6.02
C GLU I 3 15.02 20.65 -6.89
N PHE I 4 15.17 20.56 -8.20
CA PHE I 4 14.10 20.73 -9.17
C PHE I 4 13.29 19.45 -9.32
N ASP I 6 13.02 17.09 -6.94
CA ASP I 6 12.28 16.93 -5.69
C ASP I 6 11.00 17.76 -5.68
N GLU I 8 8.96 18.62 -8.61
CA GLU I 8 7.93 17.97 -9.42
C GLU I 8 7.63 16.55 -8.96
N LYS I 9 8.42 16.01 -8.01
CA LYS I 9 7.97 14.82 -7.31
C LYS I 9 6.81 15.13 -6.38
N ARG I 10 6.76 16.34 -5.82
CA ARG I 10 5.59 16.74 -5.04
C ARG I 10 4.45 17.16 -5.95
N LEU I 11 4.73 18.08 -6.87
CA LEU I 11 3.68 18.66 -7.71
C LEU I 11 2.90 17.58 -8.46
N ARG I 12 3.58 16.51 -8.87
CA ARG I 12 2.88 15.40 -9.50
C ARG I 12 2.06 14.62 -8.48
N ALA I 13 2.66 14.32 -7.32
CA ALA I 13 1.92 13.60 -6.28
C ALA I 13 0.77 14.45 -5.74
N GLU I 14 0.98 15.77 -5.63
CA GLU I 14 -0.11 16.66 -5.26
C GLU I 14 -1.21 16.65 -6.33
N GLN I 16 -2.18 14.17 -8.42
CA GLN I 16 -3.04 13.00 -8.39
C GLN I 16 -3.89 12.93 -7.13
N LYS I 17 -3.44 13.56 -6.03
CA LYS I 17 -4.31 13.66 -4.86
C LYS I 17 -5.60 14.38 -5.20
N ALA I 18 -5.51 15.45 -6.00
CA ALA I 18 -6.70 16.12 -6.47
C ALA I 18 -7.47 15.24 -7.45
N GLU I 19 -6.75 14.59 -8.38
CA GLU I 19 -7.42 13.70 -9.31
C GLU I 19 -8.01 12.49 -8.60
N ASP I 20 -7.45 12.13 -7.45
CA ASP I 20 -8.00 11.01 -6.68
C ASP I 20 -9.32 11.40 -6.03
N LYS I 21 -9.35 12.57 -5.38
CA LYS I 21 -10.55 12.95 -4.64
C LYS I 21 -11.70 13.29 -5.57
N ALA I 22 -11.41 13.77 -6.78
CA ALA I 22 -12.47 13.96 -7.77
C ALA I 22 -13.07 12.64 -8.21
N VAL I 23 -12.28 11.56 -8.22
CA VAL I 23 -12.84 10.25 -8.55
C VAL I 23 -13.68 9.73 -7.38
N GLU I 24 -13.23 9.98 -6.15
CA GLU I 24 -14.03 9.59 -5.00
C GLU I 24 -15.37 10.30 -4.99
N HIS I 25 -15.40 11.58 -5.40
CA HIS I 25 -16.68 12.27 -5.55
C HIS I 25 -17.51 11.63 -6.66
N LYS I 26 -16.89 11.36 -7.81
CA LYS I 26 -17.56 10.63 -8.88
C LYS I 26 -18.11 9.31 -8.37
N GLU I 27 -17.36 8.63 -7.49
CA GLU I 27 -17.85 7.40 -6.90
C GLU I 27 -19.13 7.65 -6.11
N ILE I 28 -19.20 8.76 -5.38
CA ILE I 28 -20.39 9.05 -4.60
C ILE I 28 -21.59 9.30 -5.51
N LEU I 29 -21.37 10.04 -6.59
CA LEU I 29 -22.48 10.48 -7.44
C LEU I 29 -23.13 9.31 -8.15
N ASP I 30 -22.40 8.66 -9.05
CA ASP I 30 -22.98 7.58 -9.84
C ASP I 30 -23.21 6.31 -9.05
N GLN I 31 -22.87 6.29 -7.76
CA GLN I 31 -23.40 5.27 -6.86
C GLN I 31 -24.74 5.67 -6.28
N LEU I 32 -24.96 6.98 -6.08
CA LEU I 32 -26.29 7.47 -5.72
C LEU I 32 -27.28 7.24 -6.85
N GLU I 33 -26.94 7.66 -8.06
CA GLU I 33 -27.85 7.50 -9.19
C GLU I 33 -28.02 6.02 -9.55
N SER I 34 -27.03 5.19 -9.23
CA SER I 34 -27.21 3.75 -9.36
C SER I 34 -28.32 3.24 -8.45
N LEU I 35 -28.36 3.76 -7.22
CA LEU I 35 -29.46 3.43 -6.33
C LEU I 35 -30.75 4.10 -6.78
N LYS I 36 -30.66 5.31 -7.31
CA LYS I 36 -31.83 5.99 -7.87
C LYS I 36 -32.44 5.18 -9.01
N LEU I 37 -31.60 4.54 -9.82
CA LEU I 37 -32.09 3.76 -10.95
C LEU I 37 -32.69 2.44 -10.49
N GLU I 38 -32.04 1.76 -9.53
CA GLU I 38 -32.62 0.56 -8.96
C GLU I 38 -33.98 0.86 -8.32
N ASN I 39 -34.11 2.01 -7.68
CA ASN I 39 -35.36 2.37 -7.01
C ASN I 39 -36.49 2.51 -8.01
N ARG I 40 -36.24 3.23 -9.11
CA ARG I 40 -37.27 3.39 -10.12
C ARG I 40 -37.61 2.05 -10.79
N HIS I 41 -36.59 1.20 -10.99
CA HIS I 41 -36.84 -0.09 -11.62
C HIS I 41 -37.67 -1.00 -10.73
N LEU I 42 -37.33 -1.08 -9.45
CA LEU I 42 -38.13 -1.87 -8.51
C LEU I 42 -39.53 -1.29 -8.35
N SER I 43 -39.65 0.04 -8.34
CA SER I 43 -40.95 0.67 -8.25
C SER I 43 -41.81 0.32 -9.46
N GLU I 44 -41.22 0.39 -10.65
CA GLU I 44 -41.98 0.08 -11.86
C GLU I 44 -42.29 -1.40 -11.98
N VAL I 46 -43.09 -3.34 -9.34
CA VAL I 46 -44.28 -3.43 -8.49
C VAL I 46 -45.49 -2.89 -9.23
N LYS I 48 -46.23 -2.54 -12.69
CA LYS I 48 -46.81 -3.45 -13.69
C LYS I 48 -47.26 -4.77 -13.07
N LEU I 49 -46.80 -5.09 -11.87
CA LEU I 49 -47.28 -6.30 -11.19
C LEU I 49 -48.73 -6.13 -10.75
N GLU I 50 -49.02 -5.06 -10.01
CA GLU I 50 -50.41 -4.79 -9.65
C GLU I 50 -51.26 -4.51 -10.88
N LEU I 51 -50.68 -3.85 -11.88
CA LEU I 51 -51.34 -3.64 -13.15
C LEU I 51 -51.47 -4.97 -13.91
N SER J 2 -10.23 44.21 21.38
CA SER J 2 -10.73 44.35 20.02
C SER J 2 -10.01 43.37 19.08
N GLU J 3 -8.68 43.43 19.09
CA GLU J 3 -7.90 42.45 18.35
C GLU J 3 -8.17 41.04 18.86
N PHE J 4 -8.41 40.91 20.17
CA PHE J 4 -8.81 39.63 20.73
C PHE J 4 -10.20 39.24 20.22
N ASP J 6 -11.94 39.92 17.53
CA ASP J 6 -12.00 39.45 16.15
C ASP J 6 -11.53 38.00 16.04
N GLU J 8 -11.62 35.58 18.21
CA GLU J 8 -12.66 34.66 18.67
C GLU J 8 -13.78 34.53 17.66
N LYS J 9 -14.12 35.62 16.97
CA LYS J 9 -15.17 35.58 15.96
C LYS J 9 -14.74 34.71 14.78
N ARG J 10 -13.49 34.84 14.35
CA ARG J 10 -12.99 34.02 13.26
C ARG J 10 -12.81 32.57 13.69
N LEU J 11 -12.39 32.35 14.93
CA LEU J 11 -12.20 30.99 15.43
C LEU J 11 -13.54 30.26 15.50
N ARG J 12 -14.56 30.92 16.05
CA ARG J 12 -15.89 30.31 16.09
C ARG J 12 -16.47 30.13 14.71
N ALA J 13 -16.04 30.97 13.75
CA ALA J 13 -16.50 30.80 12.37
C ALA J 13 -15.93 29.53 11.76
N GLU J 14 -14.65 29.25 12.02
CA GLU J 14 -14.03 28.04 11.49
C GLU J 14 -14.61 26.79 12.14
N GLN J 16 -17.87 26.44 12.74
CA GLN J 16 -19.09 26.18 11.98
C GLN J 16 -18.79 25.46 10.68
N LYS J 17 -17.82 25.97 9.91
CA LYS J 17 -17.40 25.33 8.67
C LYS J 17 -16.97 23.89 8.90
N ALA J 18 -16.35 23.60 10.05
CA ALA J 18 -15.91 22.24 10.33
C ALA J 18 -17.09 21.32 10.63
N GLU J 19 -17.99 21.73 11.53
CA GLU J 19 -19.13 20.91 11.86
C GLU J 19 -20.21 20.93 10.78
N ASP J 20 -20.22 21.96 9.93
CA ASP J 20 -21.12 21.93 8.77
C ASP J 20 -20.71 20.82 7.80
N LYS J 21 -19.42 20.72 7.52
CA LYS J 21 -18.92 19.62 6.70
C LYS J 21 -19.21 18.28 7.36
N ALA J 22 -19.14 18.21 8.70
CA ALA J 22 -19.44 16.97 9.38
C ALA J 22 -20.89 16.58 9.20
N VAL J 23 -21.79 17.56 9.09
CA VAL J 23 -23.20 17.25 8.86
C VAL J 23 -23.42 16.84 7.40
N GLU J 24 -22.73 17.53 6.47
CA GLU J 24 -22.88 17.20 5.05
C GLU J 24 -22.50 15.77 4.76
N HIS J 25 -21.43 15.27 5.39
CA HIS J 25 -21.05 13.88 5.23
C HIS J 25 -22.12 12.95 5.78
N LYS J 26 -22.77 13.34 6.87
CA LYS J 26 -23.80 12.50 7.47
C LYS J 26 -25.04 12.44 6.58
N GLU J 27 -25.35 13.53 5.89
CA GLU J 27 -26.43 13.52 4.90
C GLU J 27 -26.20 12.42 3.86
N ILE J 28 -25.01 12.42 3.26
CA ILE J 28 -24.70 11.44 2.23
C ILE J 28 -24.74 10.03 2.79
N LEU J 29 -24.18 9.84 3.99
CA LEU J 29 -24.26 8.55 4.65
C LEU J 29 -25.71 8.16 4.92
N ASP J 30 -26.54 9.12 5.33
CA ASP J 30 -27.92 8.82 5.64
C ASP J 30 -28.72 8.52 4.38
N GLN J 31 -28.66 9.42 3.39
CA GLN J 31 -29.44 9.24 2.17
C GLN J 31 -29.00 7.98 1.41
N LEU J 32 -27.72 7.62 1.52
CA LEU J 32 -27.28 6.34 0.98
C LEU J 32 -27.97 5.18 1.68
N GLU J 33 -27.85 5.15 3.02
CA GLU J 33 -28.50 4.10 3.80
C GLU J 33 -30.02 4.18 3.69
N SER J 34 -30.57 5.39 3.53
CA SER J 34 -32.00 5.53 3.36
C SER J 34 -32.45 4.93 2.02
N LEU J 35 -31.66 5.16 0.97
CA LEU J 35 -32.04 4.65 -0.34
C LEU J 35 -31.89 3.14 -0.42
N LYS J 36 -30.87 2.59 0.25
CA LYS J 36 -30.69 1.15 0.22
C LYS J 36 -31.71 0.43 1.08
N LEU J 37 -32.28 1.12 2.07
CA LEU J 37 -33.39 0.56 2.84
C LEU J 37 -34.65 0.50 1.97
N GLU J 38 -34.97 1.61 1.31
CA GLU J 38 -36.13 1.64 0.43
C GLU J 38 -36.00 0.66 -0.72
N ASN J 39 -34.76 0.43 -1.20
CA ASN J 39 -34.55 -0.51 -2.28
C ASN J 39 -34.73 -1.96 -1.83
N ARG J 40 -34.42 -2.26 -0.56
CA ARG J 40 -34.68 -3.59 -0.03
C ARG J 40 -36.17 -3.78 0.24
N HIS J 41 -36.83 -2.76 0.79
CA HIS J 41 -38.27 -2.83 1.02
C HIS J 41 -39.02 -2.98 -0.30
N LEU J 42 -38.67 -2.18 -1.30
CA LEU J 42 -39.27 -2.33 -2.63
C LEU J 42 -39.02 -3.72 -3.18
N SER J 43 -37.80 -4.24 -3.00
CA SER J 43 -37.50 -5.58 -3.49
C SER J 43 -38.37 -6.63 -2.82
N GLU J 44 -38.70 -6.43 -1.54
CA GLU J 44 -39.53 -7.38 -0.83
C GLU J 44 -40.97 -7.36 -1.35
N VAL J 46 -41.72 -6.93 -4.39
CA VAL J 46 -41.66 -7.70 -5.63
C VAL J 46 -41.69 -9.19 -5.31
N LYS J 48 -42.94 -10.59 -2.71
CA LYS J 48 -44.28 -10.90 -2.24
C LYS J 48 -45.26 -10.99 -3.40
N LEU J 49 -45.39 -9.90 -4.17
CA LEU J 49 -46.43 -9.81 -5.18
C LEU J 49 -46.30 -10.90 -6.24
N GLU J 50 -45.09 -11.41 -6.47
CA GLU J 50 -44.82 -12.32 -7.57
C GLU J 50 -45.54 -13.66 -7.43
N LEU J 51 -46.26 -13.91 -6.34
CA LEU J 51 -47.04 -15.12 -6.22
C LEU J 51 -48.42 -14.94 -6.83
N GLY K 1 -21.78 -2.89 -3.92
CA GLY K 1 -21.98 -3.94 -2.94
C GLY K 1 -20.77 -4.17 -2.05
N SER K 2 -19.58 -4.04 -2.64
CA SER K 2 -18.34 -4.25 -1.90
C SER K 2 -17.35 -3.11 -2.16
N GLU K 3 -17.22 -2.70 -3.43
CA GLU K 3 -16.60 -1.40 -3.69
C GLU K 3 -17.45 -0.29 -3.12
N PHE K 4 -18.75 -0.52 -2.97
CA PHE K 4 -19.62 0.38 -2.22
C PHE K 4 -19.19 0.50 -0.77
N ASP K 6 -16.42 0.41 0.56
CA ASP K 6 -15.19 1.18 0.75
C ASP K 6 -15.40 2.68 0.61
N GLU K 8 -18.21 3.87 1.81
CA GLU K 8 -18.91 4.11 3.06
C GLU K 8 -17.93 4.38 4.19
N LYS K 9 -16.84 3.62 4.25
CA LYS K 9 -15.81 3.87 5.24
C LYS K 9 -15.10 5.19 4.97
N ARG K 10 -14.80 5.48 3.70
CA ARG K 10 -14.18 6.75 3.34
C ARG K 10 -15.01 7.93 3.82
N LEU K 11 -16.33 7.84 3.68
CA LEU K 11 -17.21 8.92 4.13
C LEU K 11 -17.20 9.03 5.64
N ARG K 12 -17.27 7.89 6.34
CA ARG K 12 -17.22 7.92 7.80
C ARG K 12 -15.86 8.40 8.28
N ALA K 13 -14.78 7.98 7.62
CA ALA K 13 -13.46 8.44 8.01
C ALA K 13 -13.31 9.94 7.83
N GLU K 14 -13.98 10.50 6.83
CA GLU K 14 -13.94 11.94 6.62
C GLU K 14 -14.87 12.68 7.57
N GLN K 16 -15.72 11.65 10.87
CA GLN K 16 -14.99 11.67 12.13
C GLN K 16 -13.85 12.70 12.09
N LYS K 17 -13.14 12.76 10.97
CA LYS K 17 -12.05 13.73 10.83
C LYS K 17 -12.58 15.16 10.93
N ALA K 18 -13.78 15.40 10.42
CA ALA K 18 -14.40 16.72 10.55
C ALA K 18 -14.90 16.95 11.98
N GLU K 19 -15.48 15.91 12.59
CA GLU K 19 -15.92 16.03 13.98
C GLU K 19 -14.74 16.31 14.91
N ASP K 20 -13.59 15.70 14.63
CA ASP K 20 -12.40 15.96 15.43
C ASP K 20 -11.98 17.42 15.31
N LYS K 21 -12.07 17.99 14.11
CA LYS K 21 -11.68 19.39 13.93
C LYS K 21 -12.66 20.34 14.58
N ALA K 22 -13.95 19.99 14.59
CA ALA K 22 -14.93 20.79 15.31
C ALA K 22 -14.70 20.73 16.81
N VAL K 23 -14.18 19.62 17.31
CA VAL K 23 -13.87 19.52 18.73
C VAL K 23 -12.55 20.19 19.04
N GLU K 24 -11.55 20.03 18.18
CA GLU K 24 -10.27 20.70 18.37
C GLU K 24 -10.45 22.21 18.46
N HIS K 25 -11.28 22.79 17.58
CA HIS K 25 -11.59 24.20 17.67
C HIS K 25 -12.30 24.54 18.97
N LYS K 26 -13.15 23.63 19.45
CA LYS K 26 -13.90 23.88 20.69
C LYS K 26 -12.95 24.01 21.87
N GLU K 27 -11.90 23.18 21.91
CA GLU K 27 -10.91 23.31 22.98
C GLU K 27 -10.18 24.64 22.89
N ILE K 28 -9.89 25.10 21.67
CA ILE K 28 -9.22 26.39 21.52
C ILE K 28 -10.11 27.52 21.99
N LEU K 29 -11.41 27.46 21.65
CA LEU K 29 -12.34 28.48 22.11
C LEU K 29 -12.58 28.40 23.62
N ASP K 30 -12.47 27.19 24.19
CA ASP K 30 -12.72 27.02 25.62
C ASP K 30 -11.54 27.48 26.46
N GLN K 31 -10.31 27.23 25.99
CA GLN K 31 -9.14 27.63 26.76
C GLN K 31 -8.98 29.15 26.77
N LEU K 32 -9.35 29.83 25.68
CA LEU K 32 -9.38 31.29 25.70
C LEU K 32 -10.44 31.79 26.68
N GLU K 33 -11.62 31.16 26.66
CA GLU K 33 -12.68 31.49 27.61
C GLU K 33 -12.19 31.32 29.04
N SER K 34 -11.53 30.20 29.32
CA SER K 34 -11.08 29.92 30.68
C SER K 34 -10.01 30.90 31.12
N LEU K 35 -9.03 31.17 30.24
CA LEU K 35 -7.94 32.06 30.60
C LEU K 35 -8.43 33.48 30.86
N LYS K 36 -9.48 33.90 30.17
CA LYS K 36 -10.01 35.25 30.40
C LYS K 36 -10.76 35.34 31.73
N LEU K 37 -11.49 34.28 32.10
CA LEU K 37 -12.14 34.26 33.41
C LEU K 37 -11.11 34.28 34.53
N GLU K 38 -9.94 33.68 34.31
CA GLU K 38 -8.90 33.71 35.34
C GLU K 38 -8.31 35.10 35.49
N ASN K 39 -8.28 35.89 34.42
CA ASN K 39 -7.91 37.30 34.53
C ASN K 39 -8.89 38.03 35.44
N ARG K 40 -10.18 37.97 35.10
CA ARG K 40 -11.26 38.56 35.89
C ARG K 40 -11.11 38.23 37.37
N HIS K 41 -10.97 36.94 37.69
CA HIS K 41 -10.81 36.54 39.08
C HIS K 41 -9.54 37.14 39.68
N LEU K 42 -8.40 36.98 38.99
CA LEU K 42 -7.15 37.52 39.51
C LEU K 42 -7.17 39.03 39.55
N SER K 43 -7.67 39.68 38.50
CA SER K 43 -7.70 41.14 38.48
C SER K 43 -8.63 41.68 39.55
N GLU K 44 -9.81 41.08 39.71
CA GLU K 44 -10.72 41.53 40.75
C GLU K 44 -10.18 41.23 42.14
N VAL K 46 -6.99 41.37 42.91
CA VAL K 46 -6.01 42.44 43.12
C VAL K 46 -6.72 43.70 43.59
N LYS K 48 -9.69 43.97 45.06
CA LYS K 48 -10.15 43.75 46.44
C LYS K 48 -8.99 43.87 47.42
N LEU K 49 -7.85 43.26 47.09
CA LEU K 49 -6.71 43.31 48.00
C LEU K 49 -6.16 44.72 48.12
N GLU K 50 -6.13 45.47 47.01
CA GLU K 50 -5.71 46.86 47.01
C GLU K 50 -6.72 47.78 47.66
N LEU K 51 -7.88 47.27 48.04
CA LEU K 51 -8.99 48.11 48.47
C LEU K 51 -9.00 48.28 49.99
N SER L 2 0.78 35.66 -20.78
CA SER L 2 -0.60 35.64 -20.32
C SER L 2 -0.96 34.29 -19.71
N GLU L 3 -0.82 33.24 -20.53
CA GLU L 3 -1.01 31.88 -20.04
C GLU L 3 -0.09 31.60 -18.87
N PHE L 4 1.14 32.11 -18.93
CA PHE L 4 2.12 31.88 -17.88
C PHE L 4 1.92 32.85 -16.72
N ASP L 6 -0.73 34.76 -15.74
CA ASP L 6 -1.96 34.55 -14.96
C ASP L 6 -1.81 33.40 -13.97
N GLU L 8 1.09 32.65 -12.53
CA GLU L 8 1.90 33.21 -11.47
C GLU L 8 1.05 33.95 -10.44
N LYS L 9 -0.04 34.57 -10.90
CA LYS L 9 -0.95 35.23 -9.95
C LYS L 9 -1.71 34.19 -9.14
N ARG L 10 -2.18 33.13 -9.80
CA ARG L 10 -2.82 32.03 -9.09
C ARG L 10 -1.89 31.43 -8.05
N LEU L 11 -0.59 31.31 -8.39
CA LEU L 11 0.38 30.80 -7.43
C LEU L 11 0.63 31.80 -6.32
N ARG L 12 0.66 33.10 -6.64
CA ARG L 12 0.91 34.12 -5.64
C ARG L 12 -0.25 34.22 -4.66
N ALA L 13 -1.48 34.31 -5.18
CA ALA L 13 -2.64 34.40 -4.30
C ALA L 13 -2.80 33.16 -3.44
N GLU L 14 -2.45 31.99 -3.97
CA GLU L 14 -2.49 30.77 -3.16
C GLU L 14 -1.37 30.71 -2.14
N GLN L 16 -0.04 33.54 -0.49
CA GLN L 16 -0.46 34.42 0.60
C GLN L 16 -1.63 33.84 1.37
N LYS L 17 -2.47 33.06 0.70
CA LYS L 17 -3.53 32.34 1.39
C LYS L 17 -3.00 31.20 2.24
N ALA L 18 -1.69 30.92 2.19
CA ALA L 18 -1.04 30.01 3.13
C ALA L 18 -0.22 30.74 4.18
N GLU L 19 0.40 31.86 3.84
CA GLU L 19 1.02 32.71 4.85
C GLU L 19 -0.03 33.24 5.81
N ASP L 20 -1.19 33.64 5.28
CA ASP L 20 -2.25 34.18 6.13
C ASP L 20 -2.71 33.15 7.16
N LYS L 21 -2.78 31.88 6.75
CA LYS L 21 -3.11 30.82 7.71
C LYS L 21 -2.05 30.72 8.79
N ALA L 22 -0.77 30.78 8.40
CA ALA L 22 0.30 30.71 9.39
C ALA L 22 0.28 31.91 10.32
N VAL L 23 -0.14 33.08 9.82
CA VAL L 23 -0.25 34.26 10.68
C VAL L 23 -1.38 34.09 11.67
N GLU L 24 -2.53 33.62 11.21
CA GLU L 24 -3.67 33.40 12.10
C GLU L 24 -3.34 32.40 13.20
N HIS L 25 -2.55 31.37 12.87
CA HIS L 25 -2.13 30.41 13.88
C HIS L 25 -1.15 31.04 14.87
N LYS L 26 -0.20 31.85 14.36
CA LYS L 26 0.72 32.55 15.25
C LYS L 26 -0.02 33.52 16.15
N GLU L 27 -1.05 34.19 15.62
CA GLU L 27 -1.82 35.13 16.43
C GLU L 27 -2.51 34.42 17.59
N ILE L 28 -3.01 33.21 17.36
CA ILE L 28 -3.62 32.45 18.44
C ILE L 28 -2.56 31.99 19.43
N LEU L 29 -1.45 31.47 18.91
CA LEU L 29 -0.40 30.95 19.79
C LEU L 29 0.25 32.07 20.59
N ASP L 30 0.42 33.24 19.99
CA ASP L 30 1.00 34.37 20.71
C ASP L 30 0.03 34.90 21.75
N GLN L 31 -1.20 35.19 21.35
CA GLN L 31 -2.18 35.78 22.26
C GLN L 31 -2.46 34.86 23.44
N LEU L 32 -2.56 33.55 23.18
CA LEU L 32 -2.82 32.59 24.24
C LEU L 32 -1.64 32.46 25.20
N GLU L 33 -0.43 32.82 24.77
CA GLU L 33 0.69 32.89 25.69
C GLU L 33 0.70 34.21 26.46
N SER L 34 0.40 35.31 25.78
CA SER L 34 0.31 36.59 26.46
C SER L 34 -0.76 36.56 27.54
N LEU L 35 -1.85 35.83 27.30
CA LEU L 35 -2.84 35.60 28.34
C LEU L 35 -2.22 34.82 29.50
N LYS L 36 -1.54 33.72 29.19
CA LYS L 36 -0.88 32.92 30.22
C LYS L 36 0.15 33.73 30.99
N LEU L 37 0.81 34.69 30.33
CA LEU L 37 1.85 35.47 31.00
C LEU L 37 1.26 36.44 32.00
N GLU L 38 0.26 37.22 31.59
CA GLU L 38 -0.31 38.22 32.48
C GLU L 38 -1.01 37.58 33.67
N ASN L 39 -1.41 36.32 33.58
CA ASN L 39 -2.03 35.65 34.72
C ASN L 39 -1.01 35.30 35.78
N ARG L 40 0.16 34.79 35.38
CA ARG L 40 1.28 34.69 36.32
C ARG L 40 1.66 36.07 36.85
N HIS L 41 1.55 37.10 35.99
CA HIS L 41 1.85 38.46 36.44
C HIS L 41 0.80 38.94 37.44
N LEU L 42 -0.45 38.49 37.31
CA LEU L 42 -1.47 38.81 38.30
C LEU L 42 -1.37 37.90 39.53
N SER L 43 -1.08 36.61 39.32
CA SER L 43 -0.96 35.69 40.45
C SER L 43 0.15 36.12 41.39
N GLU L 44 1.15 36.84 40.88
CA GLU L 44 2.22 37.35 41.75
C GLU L 44 1.77 38.59 42.52
N VAL L 46 -1.30 39.25 43.58
CA VAL L 46 -2.14 38.76 44.69
C VAL L 46 -1.27 38.21 45.81
N LYS L 48 2.04 38.93 46.34
CA LYS L 48 2.79 40.04 46.92
C LYS L 48 1.92 40.87 47.86
N LEU L 49 0.65 41.07 47.50
CA LEU L 49 -0.22 41.90 48.30
C LEU L 49 -0.62 41.19 49.59
N GLU L 50 -1.04 39.93 49.49
CA GLU L 50 -1.46 39.19 50.68
C GLU L 50 -0.32 38.94 51.64
N LEU L 51 0.93 38.98 51.14
CA LEU L 51 2.08 38.89 52.03
C LEU L 51 2.26 40.17 52.82
N GLY L 52 2.43 41.29 52.12
CA GLY L 52 2.62 42.58 52.76
C GLY L 52 3.44 43.54 51.91
#